data_7JGV
#
_entry.id   7JGV
#
_cell.length_a   40.324
_cell.length_b   56.256
_cell.length_c   117.756
_cell.angle_alpha   90.000
_cell.angle_beta   90.000
_cell.angle_gamma   90.000
#
_symmetry.space_group_name_H-M   'P 21 21 21'
#
loop_
_entity.id
_entity.type
_entity.pdbx_description
1 polymer 'Bcl-2-like protein 1'
2 non-polymer '6-[(8E)-8-{2-[4-(benzylcarbamoyl)-1,3-thiazol-2-yl]hydrazinylidene}-5,6,7,8-tetrahydronaphthalen-2-yl]-3-(2-phenylethoxy)pyridine-2-carboxylic acid'
3 water water
#
_entity_poly.entity_id   1
_entity_poly.type   'polypeptide(L)'
_entity_poly.pdbx_seq_one_letter_code
;GPLGSMSQSNRELVVDFLSYKLSQKGYSWSQMAAVKQALREAGDEFELRYRRAFSDLTSQLHITPGTAYQSFEQVVNELF
RDGVNWGRIVAFFSFGGALCVESVDKEMQVLVSRIAAWMATYLNDHLEPWIQENGGWDTFVELYGNNAAAESRKGQER
;
_entity_poly.pdbx_strand_id   A,B
#
loop_
_chem_comp.id
_chem_comp.type
_chem_comp.name
_chem_comp.formula
V9S non-polymer '6-[(8E)-8-{2-[4-(benzylcarbamoyl)-1,3-thiazol-2-yl]hydrazinylidene}-5,6,7,8-tetrahydronaphthalen-2-yl]-3-(2-phenylethoxy)pyridine-2-carboxylic acid' 'C35 H31 N5 O4 S'
#
# COMPACT_ATOMS: atom_id res chain seq x y z
N MET A 6 13.02 0.08 -6.33
CA MET A 6 13.88 0.14 -5.12
C MET A 6 13.28 1.12 -4.11
N SER A 7 13.31 0.77 -2.82
CA SER A 7 12.92 1.69 -1.72
C SER A 7 13.95 2.82 -1.67
N GLN A 8 13.67 3.86 -2.43
CA GLN A 8 14.51 5.08 -2.56
C GLN A 8 13.80 6.22 -1.80
N SER A 9 12.96 5.92 -0.80
CA SER A 9 12.20 6.93 0.00
C SER A 9 11.90 6.43 1.42
N ASN A 10 12.50 7.07 2.42
CA ASN A 10 12.22 6.80 3.85
C ASN A 10 10.76 7.17 4.16
N ARG A 11 10.27 8.29 3.64
CA ARG A 11 8.86 8.75 3.84
C ARG A 11 7.87 7.66 3.35
N GLU A 12 8.12 7.02 2.20
CA GLU A 12 7.18 6.01 1.66
C GLU A 12 7.06 4.86 2.67
N LEU A 13 8.17 4.43 3.28
CA LEU A 13 8.18 3.33 4.29
C LEU A 13 7.33 3.76 5.49
N VAL A 14 7.55 4.98 5.98
CA VAL A 14 6.79 5.58 7.12
C VAL A 14 5.28 5.55 6.80
N VAL A 15 4.86 6.17 5.69
CA VAL A 15 3.43 6.26 5.26
C VAL A 15 2.85 4.84 5.17
N ASP A 16 3.57 3.91 4.55
CA ASP A 16 3.10 2.50 4.40
C ASP A 16 2.87 1.86 5.78
N PHE A 17 3.86 1.93 6.66
CA PHE A 17 3.79 1.31 8.00
C PHE A 17 2.64 1.93 8.78
N LEU A 18 2.51 3.25 8.80
CA LEU A 18 1.46 3.95 9.60
C LEU A 18 0.09 3.61 9.03
N SER A 19 -0.06 3.58 7.70
CA SER A 19 -1.34 3.20 7.04
C SER A 19 -1.77 1.83 7.55
N TYR A 20 -0.84 0.86 7.51
CA TYR A 20 -1.04 -0.54 7.98
C TYR A 20 -1.47 -0.56 9.45
N LYS A 21 -0.73 0.13 10.32
CA LYS A 21 -0.97 0.12 11.78
C LYS A 21 -2.33 0.72 12.10
N LEU A 22 -2.66 1.85 11.46
CA LEU A 22 -3.98 2.50 11.59
C LEU A 22 -5.09 1.54 11.14
N SER A 23 -4.91 0.85 10.01
CA SER A 23 -5.93 -0.06 9.44
C SER A 23 -6.23 -1.18 10.44
N GLN A 24 -5.21 -1.70 11.12
CA GLN A 24 -5.36 -2.78 12.12
C GLN A 24 -6.27 -2.34 13.28
N LYS A 25 -6.44 -1.04 13.54
CA LYS A 25 -7.33 -0.51 14.61
C LYS A 25 -8.65 0.00 14.04
N GLY A 26 -8.94 -0.20 12.76
CA GLY A 26 -10.20 0.26 12.14
C GLY A 26 -10.13 1.73 11.75
N TYR A 27 -8.93 2.32 11.76
CA TYR A 27 -8.69 3.74 11.39
C TYR A 27 -8.07 3.79 9.99
N SER A 28 -8.26 4.91 9.27
CA SER A 28 -7.85 5.07 7.85
C SER A 28 -6.78 6.14 7.67
N TRP A 29 -5.72 5.83 6.94
CA TRP A 29 -4.72 6.83 6.50
C TRP A 29 -5.39 7.84 5.57
N SER A 30 -5.98 7.37 4.45
CA SER A 30 -6.51 8.19 3.32
C SER A 30 -8.05 8.19 3.32
N GLN A 31 -8.64 9.18 2.66
CA GLN A 31 -10.12 9.37 2.51
C GLN A 31 -10.70 8.29 1.58
N MET A 32 -9.86 7.66 0.76
CA MET A 32 -10.27 6.68 -0.28
C MET A 32 -10.43 5.29 0.35
N ALA A 33 -10.34 5.20 1.68
CA ALA A 33 -10.29 3.93 2.46
C ALA A 33 -11.53 3.07 2.23
N ALA A 34 -12.72 3.66 2.16
CA ALA A 34 -14.00 2.91 2.03
C ALA A 34 -14.10 2.33 0.61
N VAL A 35 -13.62 3.08 -0.39
CA VAL A 35 -13.63 2.62 -1.81
C VAL A 35 -12.64 1.45 -1.92
N LYS A 36 -11.40 1.64 -1.50
CA LYS A 36 -10.35 0.58 -1.48
C LYS A 36 -10.91 -0.71 -0.88
N GLN A 37 -11.60 -0.64 0.26
CA GLN A 37 -12.10 -1.84 0.98
C GLN A 37 -13.25 -2.48 0.20
N ALA A 38 -14.12 -1.69 -0.43
CA ALA A 38 -15.25 -2.16 -1.28
C ALA A 38 -14.72 -2.81 -2.57
N LEU A 39 -13.69 -2.24 -3.16
CA LEU A 39 -13.10 -2.71 -4.43
C LEU A 39 -12.34 -4.03 -4.17
N ARG A 40 -11.56 -4.12 -3.11
CA ARG A 40 -10.84 -5.37 -2.73
C ARG A 40 -11.84 -6.50 -2.48
N GLU A 41 -12.91 -6.22 -1.73
CA GLU A 41 -13.90 -7.26 -1.35
C GLU A 41 -14.68 -7.68 -2.60
N ALA A 42 -15.10 -6.71 -3.42
CA ALA A 42 -15.86 -7.00 -4.67
C ALA A 42 -14.96 -7.78 -5.62
N GLY A 43 -13.67 -7.43 -5.69
CA GLY A 43 -12.66 -8.16 -6.46
C GLY A 43 -12.57 -9.61 -6.02
N ASP A 44 -12.42 -9.84 -4.71
CA ASP A 44 -12.29 -11.20 -4.10
C ASP A 44 -13.53 -12.00 -4.46
N GLU A 45 -14.72 -11.39 -4.31
CA GLU A 45 -16.01 -12.09 -4.52
C GLU A 45 -16.13 -12.44 -6.01
N PHE A 46 -15.79 -11.51 -6.91
CA PHE A 46 -15.89 -11.72 -8.38
C PHE A 46 -15.02 -12.91 -8.78
N GLU A 47 -13.79 -12.96 -8.27
CA GLU A 47 -12.78 -13.96 -8.69
C GLU A 47 -13.17 -15.35 -8.18
N LEU A 48 -13.90 -15.46 -7.07
CA LEU A 48 -14.15 -16.76 -6.38
C LEU A 48 -15.18 -17.62 -7.13
N ARG A 49 -16.05 -17.07 -7.96
CA ARG A 49 -17.08 -17.87 -8.69
C ARG A 49 -17.59 -17.15 -9.95
N TYR A 50 -18.01 -15.89 -9.84
CA TYR A 50 -18.71 -15.17 -10.93
C TYR A 50 -17.83 -15.11 -12.19
N ARG A 51 -16.52 -14.88 -12.02
CA ARG A 51 -15.52 -14.79 -13.12
C ARG A 51 -15.49 -16.05 -13.99
N ARG A 52 -15.74 -17.22 -13.40
CA ARG A 52 -15.51 -18.54 -14.04
C ARG A 52 -16.37 -18.63 -15.32
N ALA A 53 -17.46 -17.86 -15.41
CA ALA A 53 -18.42 -17.87 -16.55
C ALA A 53 -17.79 -17.31 -17.82
N PHE A 54 -16.79 -16.43 -17.70
CA PHE A 54 -16.30 -15.56 -18.81
C PHE A 54 -15.03 -16.13 -19.41
N SER A 55 -14.79 -15.78 -20.69
CA SER A 55 -13.52 -16.09 -21.39
CA SER A 55 -13.53 -16.06 -21.42
C SER A 55 -12.38 -15.35 -20.68
N ASP A 56 -11.25 -16.02 -20.53
CA ASP A 56 -10.08 -15.46 -19.82
C ASP A 56 -9.40 -14.43 -20.74
N LEU A 57 -9.64 -13.16 -20.45
CA LEU A 57 -9.17 -12.01 -21.25
C LEU A 57 -7.63 -11.97 -21.30
N THR A 58 -6.93 -12.50 -20.28
CA THR A 58 -5.44 -12.56 -20.21
C THR A 58 -4.88 -13.44 -21.34
N SER A 59 -5.63 -14.39 -21.88
CA SER A 59 -5.15 -15.29 -22.96
C SER A 59 -4.94 -14.49 -24.25
N GLN A 60 -5.48 -13.26 -24.33
CA GLN A 60 -5.39 -12.39 -25.53
C GLN A 60 -4.20 -11.44 -25.43
N LEU A 61 -3.54 -11.36 -24.26
CA LEU A 61 -2.36 -10.47 -24.04
C LEU A 61 -1.12 -11.28 -23.66
N HIS A 62 0.02 -10.96 -24.25
CA HIS A 62 1.36 -11.46 -23.87
C HIS A 62 2.23 -10.26 -23.53
N ILE A 63 2.09 -9.71 -22.32
CA ILE A 63 2.71 -8.40 -21.95
C ILE A 63 4.22 -8.60 -21.82
N THR A 64 4.99 -7.92 -22.67
CA THR A 64 6.47 -7.82 -22.56
C THR A 64 6.84 -6.35 -22.50
N PRO A 65 8.14 -6.03 -22.31
CA PRO A 65 8.58 -4.64 -22.26
C PRO A 65 8.29 -3.92 -23.58
N GLY A 66 7.97 -4.65 -24.66
CA GLY A 66 7.69 -4.09 -26.00
C GLY A 66 6.20 -3.95 -26.32
N THR A 67 5.30 -4.47 -25.49
CA THR A 67 3.82 -4.35 -25.67
C THR A 67 3.41 -2.88 -25.55
N ALA A 68 2.59 -2.39 -26.48
CA ALA A 68 2.07 -1.00 -26.49
C ALA A 68 0.87 -0.91 -25.53
N TYR A 69 0.66 0.25 -24.93
CA TYR A 69 -0.57 0.55 -24.16
C TYR A 69 -1.78 0.15 -25.01
N GLN A 70 -1.74 0.42 -26.31
CA GLN A 70 -2.89 0.26 -27.25
C GLN A 70 -3.34 -1.21 -27.28
N SER A 71 -2.41 -2.17 -27.22
CA SER A 71 -2.74 -3.62 -27.18
C SER A 71 -3.59 -3.92 -25.94
N PHE A 72 -3.19 -3.41 -24.77
CA PHE A 72 -3.91 -3.57 -23.49
C PHE A 72 -5.31 -2.94 -23.60
N GLU A 73 -5.35 -1.70 -24.11
CA GLU A 73 -6.59 -0.88 -24.23
C GLU A 73 -7.60 -1.66 -25.08
N GLN A 74 -7.18 -2.25 -26.19
CA GLN A 74 -8.15 -2.89 -27.13
CA GLN A 74 -8.09 -2.94 -27.16
C GLN A 74 -8.65 -4.22 -26.54
N VAL A 75 -7.86 -4.87 -25.68
CA VAL A 75 -8.32 -6.13 -25.02
C VAL A 75 -9.29 -5.76 -23.90
N VAL A 76 -8.95 -4.77 -23.08
CA VAL A 76 -9.83 -4.29 -21.97
C VAL A 76 -11.16 -3.79 -22.53
N ASN A 77 -11.17 -3.16 -23.72
CA ASN A 77 -12.43 -2.62 -24.31
C ASN A 77 -13.48 -3.74 -24.38
N GLU A 78 -13.07 -5.01 -24.53
CA GLU A 78 -13.99 -6.16 -24.71
C GLU A 78 -14.91 -6.29 -23.48
N LEU A 79 -14.39 -5.98 -22.28
CA LEU A 79 -15.16 -5.97 -21.01
CA LEU A 79 -15.15 -5.97 -21.01
C LEU A 79 -16.38 -5.05 -21.14
N PHE A 80 -16.20 -3.93 -21.85
CA PHE A 80 -17.20 -2.83 -21.87
C PHE A 80 -17.91 -2.79 -23.22
N ARG A 81 -17.76 -3.83 -24.02
CA ARG A 81 -18.43 -3.92 -25.33
C ARG A 81 -19.91 -3.58 -25.21
N ASP A 82 -20.61 -4.10 -24.19
CA ASP A 82 -22.09 -3.94 -24.01
C ASP A 82 -22.38 -2.94 -22.88
N GLY A 83 -21.49 -1.98 -22.66
CA GLY A 83 -21.67 -0.88 -21.70
C GLY A 83 -20.79 -1.03 -20.48
N VAL A 84 -20.58 0.06 -19.76
CA VAL A 84 -19.91 0.09 -18.43
C VAL A 84 -20.99 -0.17 -17.38
N ASN A 85 -20.67 -1.01 -16.39
CA ASN A 85 -21.48 -1.14 -15.15
C ASN A 85 -20.45 -1.37 -14.03
N TRP A 86 -20.87 -1.31 -12.77
CA TRP A 86 -19.90 -1.43 -11.64
C TRP A 86 -19.20 -2.80 -11.67
N GLY A 87 -19.91 -3.86 -12.08
CA GLY A 87 -19.38 -5.24 -12.09
C GLY A 87 -18.22 -5.40 -13.05
N ARG A 88 -18.35 -4.78 -14.23
CA ARG A 88 -17.34 -4.75 -15.30
C ARG A 88 -16.14 -3.91 -14.85
N ILE A 89 -16.38 -2.81 -14.12
CA ILE A 89 -15.29 -2.03 -13.48
C ILE A 89 -14.58 -2.94 -12.47
N VAL A 90 -15.31 -3.67 -11.63
CA VAL A 90 -14.70 -4.64 -10.67
C VAL A 90 -13.84 -5.64 -11.46
N ALA A 91 -14.37 -6.18 -12.55
CA ALA A 91 -13.72 -7.21 -13.40
C ALA A 91 -12.45 -6.63 -14.00
N PHE A 92 -12.47 -5.34 -14.32
CA PHE A 92 -11.30 -4.62 -14.89
C PHE A 92 -10.15 -4.67 -13.88
N PHE A 93 -10.43 -4.35 -12.61
CA PHE A 93 -9.42 -4.40 -11.53
C PHE A 93 -8.88 -5.81 -11.38
N SER A 94 -9.78 -6.81 -11.28
CA SER A 94 -9.38 -8.23 -11.16
C SER A 94 -8.48 -8.60 -12.32
N PHE A 95 -8.86 -8.23 -13.54
CA PHE A 95 -8.11 -8.47 -14.80
C PHE A 95 -6.69 -7.92 -14.64
N GLY A 96 -6.59 -6.66 -14.21
CA GLY A 96 -5.33 -5.99 -13.86
C GLY A 96 -4.50 -6.82 -12.89
N GLY A 97 -5.13 -7.32 -11.82
CA GLY A 97 -4.47 -8.15 -10.81
C GLY A 97 -3.94 -9.42 -11.43
N ALA A 98 -4.73 -10.09 -12.27
CA ALA A 98 -4.33 -11.33 -12.98
C ALA A 98 -3.11 -11.03 -13.85
N LEU A 99 -3.13 -9.91 -14.58
CA LEU A 99 -1.99 -9.54 -15.46
C LEU A 99 -0.73 -9.43 -14.58
N CYS A 100 -0.82 -8.83 -13.40
CA CYS A 100 0.37 -8.57 -12.56
C CYS A 100 0.97 -9.91 -12.08
N VAL A 101 0.09 -10.84 -11.66
CA VAL A 101 0.47 -12.20 -11.18
C VAL A 101 1.21 -12.90 -12.30
N GLU A 102 0.65 -12.88 -13.52
CA GLU A 102 1.29 -13.56 -14.68
C GLU A 102 2.65 -12.90 -14.95
N SER A 103 2.73 -11.57 -14.85
CA SER A 103 3.96 -10.79 -15.11
C SER A 103 5.08 -11.24 -14.15
N VAL A 104 4.75 -11.39 -12.87
CA VAL A 104 5.73 -11.86 -11.85
C VAL A 104 6.16 -13.30 -12.19
N ASP A 105 5.19 -14.18 -12.49
CA ASP A 105 5.43 -15.61 -12.86
C ASP A 105 6.35 -15.71 -14.08
N LYS A 106 6.31 -14.73 -14.98
CA LYS A 106 7.14 -14.69 -16.22
C LYS A 106 8.50 -14.03 -15.95
N GLU A 107 8.82 -13.68 -14.71
CA GLU A 107 10.07 -12.97 -14.32
C GLU A 107 10.09 -11.59 -14.94
N MET A 108 8.93 -10.93 -15.03
CA MET A 108 8.80 -9.54 -15.52
C MET A 108 8.10 -8.73 -14.43
N GLN A 109 8.60 -8.90 -13.21
CA GLN A 109 8.14 -8.17 -11.99
CA GLN A 109 8.15 -8.17 -11.98
C GLN A 109 8.06 -6.68 -12.32
N VAL A 110 9.06 -6.15 -13.05
CA VAL A 110 9.17 -4.69 -13.31
C VAL A 110 7.95 -4.19 -14.10
N LEU A 111 7.22 -5.03 -14.82
CA LEU A 111 6.06 -4.56 -15.62
C LEU A 111 4.84 -4.31 -14.73
N VAL A 112 4.82 -4.77 -13.47
CA VAL A 112 3.68 -4.53 -12.53
C VAL A 112 3.36 -3.02 -12.51
N SER A 113 4.36 -2.16 -12.29
CA SER A 113 4.19 -0.69 -12.21
C SER A 113 3.65 -0.13 -13.54
N ARG A 114 4.14 -0.65 -14.66
CA ARG A 114 3.65 -0.29 -16.01
C ARG A 114 2.16 -0.65 -16.14
N ILE A 115 1.78 -1.86 -15.72
CA ILE A 115 0.38 -2.34 -15.78
C ILE A 115 -0.46 -1.37 -14.94
N ALA A 116 0.00 -0.99 -13.76
CA ALA A 116 -0.68 -0.03 -12.86
C ALA A 116 -0.90 1.27 -13.61
N ALA A 117 0.12 1.75 -14.34
CA ALA A 117 0.08 3.01 -15.12
C ALA A 117 -0.93 2.87 -16.25
N TRP A 118 -0.99 1.72 -16.92
CA TRP A 118 -1.95 1.46 -18.02
C TRP A 118 -3.40 1.45 -17.48
N MET A 119 -3.60 0.80 -16.35
CA MET A 119 -4.94 0.71 -15.70
C MET A 119 -5.44 2.12 -15.31
N ALA A 120 -4.61 2.91 -14.63
CA ALA A 120 -4.98 4.31 -14.26
C ALA A 120 -5.28 5.12 -15.53
N THR A 121 -4.51 4.92 -16.60
CA THR A 121 -4.75 5.65 -17.88
C THR A 121 -6.11 5.26 -18.44
N TYR A 122 -6.38 3.95 -18.50
CA TYR A 122 -7.65 3.42 -19.06
C TYR A 122 -8.81 3.96 -18.22
N LEU A 123 -8.66 3.90 -16.90
CA LEU A 123 -9.67 4.34 -15.91
C LEU A 123 -10.00 5.81 -16.17
N ASN A 124 -8.97 6.65 -16.27
CA ASN A 124 -9.14 8.12 -16.44
C ASN A 124 -9.79 8.44 -17.78
N ASP A 125 -9.39 7.77 -18.87
CA ASP A 125 -9.91 8.08 -20.24
C ASP A 125 -11.31 7.51 -20.39
N HIS A 126 -11.45 6.17 -20.32
CA HIS A 126 -12.64 5.41 -20.77
C HIS A 126 -13.73 5.33 -19.69
N LEU A 127 -13.38 5.33 -18.41
CA LEU A 127 -14.34 4.96 -17.34
C LEU A 127 -14.73 6.16 -16.46
N GLU A 128 -13.87 7.16 -16.32
CA GLU A 128 -14.09 8.30 -15.39
C GLU A 128 -15.42 8.98 -15.76
N PRO A 129 -15.71 9.26 -17.04
CA PRO A 129 -16.98 9.91 -17.40
C PRO A 129 -18.19 9.10 -16.88
N TRP A 130 -18.26 7.80 -17.19
CA TRP A 130 -19.34 6.90 -16.72
C TRP A 130 -19.41 6.98 -15.19
N ILE A 131 -18.27 6.92 -14.50
CA ILE A 131 -18.23 6.92 -13.01
C ILE A 131 -18.94 8.20 -12.51
N GLN A 132 -18.54 9.36 -13.03
CA GLN A 132 -19.06 10.71 -12.62
C GLN A 132 -20.57 10.74 -12.84
N GLU A 133 -21.02 10.19 -13.97
CA GLU A 133 -22.43 10.25 -14.44
C GLU A 133 -23.30 9.23 -13.71
N ASN A 134 -22.73 8.39 -12.84
CA ASN A 134 -23.44 7.30 -12.13
C ASN A 134 -23.15 7.40 -10.63
N GLY A 135 -22.92 8.61 -10.13
CA GLY A 135 -22.88 8.93 -8.69
C GLY A 135 -21.53 8.69 -8.05
N GLY A 136 -20.47 8.54 -8.86
CA GLY A 136 -19.07 8.45 -8.39
C GLY A 136 -18.82 7.22 -7.55
N TRP A 137 -17.61 7.13 -6.98
CA TRP A 137 -17.17 5.94 -6.20
C TRP A 137 -18.03 5.74 -4.96
N ASP A 138 -18.61 6.81 -4.40
CA ASP A 138 -19.38 6.69 -3.12
C ASP A 138 -20.67 5.92 -3.37
N THR A 139 -21.23 5.98 -4.58
CA THR A 139 -22.35 5.10 -5.00
C THR A 139 -21.84 3.65 -5.05
N PHE A 140 -20.70 3.42 -5.71
CA PHE A 140 -20.08 2.07 -5.79
C PHE A 140 -20.01 1.50 -4.36
N VAL A 141 -19.55 2.32 -3.41
CA VAL A 141 -19.39 1.91 -2.00
C VAL A 141 -20.77 1.60 -1.42
N GLU A 142 -21.79 2.40 -1.71
CA GLU A 142 -23.16 2.19 -1.20
C GLU A 142 -23.67 0.82 -1.69
N LEU A 143 -23.31 0.43 -2.91
CA LEU A 143 -23.84 -0.80 -3.55
C LEU A 143 -23.01 -2.01 -3.14
N TYR A 144 -21.68 -1.88 -3.08
CA TYR A 144 -20.71 -3.01 -2.95
C TYR A 144 -19.96 -2.96 -1.61
N GLY A 145 -20.11 -1.90 -0.82
CA GLY A 145 -19.36 -1.73 0.45
C GLY A 145 -19.88 -2.64 1.55
N MET B 6 -9.06 13.87 -8.98
CA MET B 6 -9.76 12.57 -9.26
C MET B 6 -8.76 11.57 -9.85
N SER B 7 -7.96 12.01 -10.82
CA SER B 7 -6.94 11.17 -11.50
C SER B 7 -5.98 10.57 -10.48
N GLN B 8 -5.56 11.33 -9.47
CA GLN B 8 -4.62 10.84 -8.41
C GLN B 8 -5.32 9.79 -7.56
N SER B 9 -6.62 9.98 -7.28
CA SER B 9 -7.47 9.04 -6.51
C SER B 9 -7.60 7.72 -7.28
N ASN B 10 -7.82 7.80 -8.60
CA ASN B 10 -7.95 6.64 -9.52
C ASN B 10 -6.66 5.81 -9.45
N ARG B 11 -5.50 6.46 -9.60
CA ARG B 11 -4.16 5.85 -9.50
C ARG B 11 -4.06 5.16 -8.13
N GLU B 12 -4.41 5.87 -7.06
CA GLU B 12 -4.34 5.33 -5.67
C GLU B 12 -5.20 4.06 -5.59
N LEU B 13 -6.39 4.02 -6.20
CA LEU B 13 -7.28 2.81 -6.21
C LEU B 13 -6.56 1.64 -6.90
N VAL B 14 -5.98 1.89 -8.07
CA VAL B 14 -5.25 0.86 -8.85
C VAL B 14 -4.09 0.32 -8.00
N VAL B 15 -3.25 1.21 -7.48
CA VAL B 15 -2.05 0.80 -6.70
C VAL B 15 -2.52 -0.05 -5.50
N ASP B 16 -3.55 0.40 -4.78
CA ASP B 16 -4.06 -0.34 -3.60
C ASP B 16 -4.52 -1.71 -4.07
N PHE B 17 -5.32 -1.76 -5.13
CA PHE B 17 -5.92 -3.04 -5.59
C PHE B 17 -4.80 -4.00 -5.98
N LEU B 18 -3.79 -3.57 -6.75
CA LEU B 18 -2.76 -4.52 -7.27
C LEU B 18 -1.86 -4.98 -6.11
N SER B 19 -1.42 -4.06 -5.25
CA SER B 19 -0.65 -4.38 -4.01
C SER B 19 -1.38 -5.45 -3.20
N TYR B 20 -2.63 -5.17 -2.83
CA TYR B 20 -3.51 -6.09 -2.07
C TYR B 20 -3.53 -7.46 -2.75
N LYS B 21 -3.81 -7.50 -4.06
CA LYS B 21 -3.95 -8.78 -4.80
C LYS B 21 -2.64 -9.57 -4.75
N LEU B 22 -1.49 -8.93 -5.02
CA LEU B 22 -0.18 -9.63 -5.07
C LEU B 22 0.20 -10.13 -3.66
N SER B 23 -0.02 -9.30 -2.65
CA SER B 23 0.24 -9.63 -1.22
CA SER B 23 0.26 -9.65 -1.23
C SER B 23 -0.61 -10.85 -0.82
N GLN B 24 -1.89 -10.82 -1.17
CA GLN B 24 -2.86 -11.91 -0.92
C GLN B 24 -2.30 -13.23 -1.46
N LYS B 25 -1.58 -13.21 -2.57
CA LYS B 25 -1.03 -14.46 -3.19
C LYS B 25 0.38 -14.77 -2.66
N GLY B 26 0.94 -13.88 -1.83
CA GLY B 26 2.29 -14.04 -1.26
C GLY B 26 3.37 -13.75 -2.29
N TYR B 27 3.05 -12.96 -3.32
CA TYR B 27 4.03 -12.56 -4.37
C TYR B 27 4.81 -11.34 -3.90
N SER B 28 6.13 -11.37 -4.12
CA SER B 28 7.06 -10.22 -3.95
C SER B 28 7.48 -9.73 -5.34
N TRP B 29 7.14 -8.49 -5.68
CA TRP B 29 7.20 -7.94 -7.07
C TRP B 29 8.19 -6.76 -7.20
N SER B 30 8.78 -6.28 -6.10
CA SER B 30 9.72 -5.12 -6.12
C SER B 30 10.44 -5.07 -4.78
N GLN B 31 11.63 -4.47 -4.76
CA GLN B 31 12.45 -4.35 -3.52
C GLN B 31 11.68 -3.47 -2.53
N MET B 32 11.06 -2.39 -3.01
CA MET B 32 10.23 -1.48 -2.18
C MET B 32 9.10 -2.27 -1.50
N ALA B 33 8.31 -3.04 -2.27
CA ALA B 33 7.22 -3.88 -1.72
C ALA B 33 7.77 -4.84 -0.67
N ALA B 34 8.92 -5.46 -0.94
CA ALA B 34 9.54 -6.46 -0.05
C ALA B 34 9.95 -5.79 1.27
N VAL B 35 10.51 -4.58 1.21
CA VAL B 35 10.94 -3.79 2.41
C VAL B 35 9.69 -3.50 3.24
N LYS B 36 8.64 -3.02 2.59
CA LYS B 36 7.41 -2.59 3.30
C LYS B 36 6.78 -3.80 3.98
N GLN B 37 6.75 -4.95 3.30
CA GLN B 37 6.17 -6.20 3.84
C GLN B 37 7.02 -6.64 5.05
N ALA B 38 8.35 -6.65 4.90
CA ALA B 38 9.28 -7.03 6.00
C ALA B 38 9.02 -6.15 7.22
N LEU B 39 8.88 -4.83 7.01
CA LEU B 39 8.66 -3.87 8.13
C LEU B 39 7.31 -4.15 8.81
N ARG B 40 6.26 -4.34 8.04
CA ARG B 40 4.89 -4.61 8.58
C ARG B 40 4.93 -5.82 9.50
N GLU B 41 5.57 -6.89 9.03
CA GLU B 41 5.56 -8.19 9.73
C GLU B 41 6.44 -8.08 10.97
N ALA B 42 7.59 -7.41 10.87
CA ALA B 42 8.55 -7.20 11.99
C ALA B 42 7.87 -6.39 13.11
N GLY B 43 7.16 -5.33 12.73
CA GLY B 43 6.38 -4.50 13.67
C GLY B 43 5.32 -5.33 14.38
N ASP B 44 4.61 -6.20 13.64
CA ASP B 44 3.57 -7.09 14.21
C ASP B 44 4.20 -8.03 15.25
N GLU B 45 5.33 -8.66 14.92
CA GLU B 45 6.05 -9.60 15.80
C GLU B 45 6.58 -8.83 17.03
N PHE B 46 7.23 -7.69 16.79
CA PHE B 46 7.73 -6.81 17.87
C PHE B 46 6.59 -6.44 18.83
N GLU B 47 5.47 -5.95 18.30
CA GLU B 47 4.32 -5.49 19.14
C GLU B 47 3.76 -6.67 19.95
N LEU B 48 3.59 -7.83 19.31
CA LEU B 48 2.99 -9.04 19.95
C LEU B 48 3.81 -9.49 21.15
N ARG B 49 5.13 -9.65 20.99
CA ARG B 49 5.94 -10.56 21.84
C ARG B 49 7.14 -9.87 22.51
N TYR B 50 7.49 -8.61 22.20
CA TYR B 50 8.74 -8.00 22.71
C TYR B 50 8.52 -6.60 23.28
N ARG B 51 7.51 -5.86 22.81
CA ARG B 51 7.38 -4.41 23.14
C ARG B 51 7.05 -4.22 24.63
N ARG B 52 6.32 -5.14 25.23
CA ARG B 52 5.82 -5.00 26.62
C ARG B 52 6.99 -5.08 27.61
N ALA B 53 8.13 -5.70 27.23
CA ALA B 53 9.33 -5.82 28.08
C ALA B 53 10.00 -4.44 28.30
N PHE B 54 9.76 -3.49 27.39
CA PHE B 54 10.48 -2.19 27.34
C PHE B 54 9.62 -1.09 27.97
N SER B 55 10.25 0.01 28.42
CA SER B 55 9.49 1.20 28.91
C SER B 55 8.73 1.84 27.75
N ASP B 56 7.48 2.20 27.99
CA ASP B 56 6.56 2.71 26.94
C ASP B 56 6.99 4.13 26.58
N LEU B 57 7.56 4.32 25.38
CA LEU B 57 8.12 5.63 24.96
C LEU B 57 7.01 6.68 24.79
N THR B 58 5.77 6.27 24.51
CA THR B 58 4.62 7.21 24.41
C THR B 58 4.37 7.89 25.77
N SER B 59 4.72 7.23 26.88
CA SER B 59 4.63 7.78 28.26
C SER B 59 5.65 8.88 28.50
N GLN B 60 6.74 8.91 27.74
CA GLN B 60 7.79 9.95 27.82
C GLN B 60 7.39 11.15 26.98
N LEU B 61 6.75 10.94 25.82
CA LEU B 61 6.39 12.07 24.93
C LEU B 61 5.09 12.75 25.39
N HIS B 62 4.06 12.00 25.78
CA HIS B 62 2.69 12.55 26.07
C HIS B 62 2.30 13.53 24.97
N ILE B 63 2.30 13.05 23.73
CA ILE B 63 2.09 13.91 22.53
C ILE B 63 0.85 14.79 22.73
N THR B 64 0.95 16.05 22.35
CA THR B 64 -0.20 17.00 22.28
C THR B 64 -0.11 17.72 20.95
N PRO B 65 -1.17 18.46 20.55
CA PRO B 65 -1.10 19.30 19.36
C PRO B 65 -0.03 20.39 19.46
N GLY B 66 0.51 20.68 20.66
CA GLY B 66 1.62 21.61 20.90
C GLY B 66 3.01 20.98 20.78
N THR B 67 3.12 19.65 20.79
CA THR B 67 4.42 18.91 20.70
C THR B 67 5.17 19.27 19.41
N ALA B 68 6.46 19.61 19.50
CA ALA B 68 7.34 19.93 18.36
C ALA B 68 8.19 18.72 17.96
N TYR B 69 8.75 18.73 16.74
CA TYR B 69 9.65 17.66 16.23
C TYR B 69 10.73 17.35 17.27
N GLN B 70 11.41 18.38 17.77
CA GLN B 70 12.56 18.23 18.71
C GLN B 70 12.18 17.46 19.98
N SER B 71 10.93 17.54 20.44
CA SER B 71 10.44 16.75 21.60
C SER B 71 10.34 15.27 21.19
N PHE B 72 9.81 14.99 19.99
CA PHE B 72 9.77 13.61 19.45
C PHE B 72 11.21 13.08 19.36
N GLU B 73 12.10 13.86 18.77
CA GLU B 73 13.51 13.47 18.52
C GLU B 73 14.20 13.11 19.85
N GLN B 74 13.99 13.89 20.92
CA GLN B 74 14.71 13.66 22.21
C GLN B 74 14.20 12.36 22.84
N VAL B 75 12.93 12.02 22.66
CA VAL B 75 12.33 10.76 23.21
C VAL B 75 12.85 9.57 22.38
N VAL B 76 12.91 9.71 21.05
CA VAL B 76 13.39 8.61 20.16
C VAL B 76 14.88 8.36 20.43
N ASN B 77 15.67 9.38 20.76
CA ASN B 77 17.11 9.22 21.08
C ASN B 77 17.28 8.22 22.22
N GLU B 78 16.29 8.10 23.11
CA GLU B 78 16.34 7.16 24.25
C GLU B 78 16.38 5.73 23.69
N LEU B 79 15.59 5.45 22.65
CA LEU B 79 15.50 4.14 21.96
C LEU B 79 16.86 3.77 21.38
N PHE B 80 17.62 4.76 20.89
CA PHE B 80 18.93 4.54 20.26
C PHE B 80 20.09 4.98 21.16
N ARG B 81 19.87 5.14 22.47
CA ARG B 81 20.92 5.58 23.42
C ARG B 81 22.14 4.63 23.36
N ASP B 82 21.94 3.32 23.16
CA ASP B 82 23.05 2.33 23.06
C ASP B 82 23.31 1.92 21.59
N GLY B 83 22.94 2.78 20.64
CA GLY B 83 23.30 2.60 19.21
C GLY B 83 22.14 2.10 18.37
N VAL B 84 22.35 2.01 17.06
CA VAL B 84 21.33 1.51 16.08
C VAL B 84 21.54 0.01 15.86
N ASN B 85 20.44 -0.75 15.77
CA ASN B 85 20.34 -2.10 15.16
C ASN B 85 18.97 -2.19 14.46
N TRP B 86 18.76 -3.23 13.66
CA TRP B 86 17.52 -3.39 12.85
C TRP B 86 16.31 -3.49 13.78
N GLY B 87 16.46 -4.19 14.92
CA GLY B 87 15.39 -4.38 15.91
C GLY B 87 14.88 -3.05 16.45
N ARG B 88 15.80 -2.12 16.72
CA ARG B 88 15.45 -0.80 17.29
C ARG B 88 14.85 0.07 16.19
N ILE B 89 15.32 -0.08 14.96
CA ILE B 89 14.63 0.56 13.80
C ILE B 89 13.20 0.04 13.71
N VAL B 90 12.97 -1.26 13.87
CA VAL B 90 11.58 -1.81 13.87
C VAL B 90 10.78 -1.16 15.01
N ALA B 91 11.37 -1.10 16.21
CA ALA B 91 10.76 -0.51 17.42
C ALA B 91 10.40 0.96 17.16
N PHE B 92 11.24 1.68 16.40
CA PHE B 92 11.01 3.10 16.03
C PHE B 92 9.71 3.23 15.21
N PHE B 93 9.54 2.37 14.20
CA PHE B 93 8.32 2.35 13.36
C PHE B 93 7.10 2.06 14.24
N SER B 94 7.17 1.02 15.06
CA SER B 94 6.10 0.61 16.02
C SER B 94 5.74 1.79 16.93
N PHE B 95 6.73 2.49 17.47
CA PHE B 95 6.54 3.69 18.32
C PHE B 95 5.71 4.75 17.57
N GLY B 96 6.13 5.08 16.33
CA GLY B 96 5.39 6.01 15.46
C GLY B 96 3.95 5.55 15.25
N GLY B 97 3.77 4.26 14.97
CA GLY B 97 2.44 3.63 14.78
C GLY B 97 1.58 3.81 16.01
N ALA B 98 2.18 3.67 17.19
CA ALA B 98 1.53 3.80 18.51
C ALA B 98 1.13 5.27 18.74
N LEU B 99 1.99 6.23 18.38
CA LEU B 99 1.62 7.66 18.54
C LEU B 99 0.38 7.96 17.68
N CYS B 100 0.34 7.43 16.46
CA CYS B 100 -0.80 7.63 15.53
C CYS B 100 -2.05 6.99 16.12
N VAL B 101 -1.95 5.74 16.59
CA VAL B 101 -3.13 5.01 17.11
C VAL B 101 -3.66 5.74 18.34
N GLU B 102 -2.79 6.14 19.27
CA GLU B 102 -3.21 6.84 20.51
C GLU B 102 -3.81 8.19 20.11
N SER B 103 -3.23 8.85 19.11
CA SER B 103 -3.74 10.16 18.63
C SER B 103 -5.20 9.99 18.18
N VAL B 104 -5.48 8.98 17.36
CA VAL B 104 -6.84 8.73 16.84
C VAL B 104 -7.74 8.28 18.00
N ASP B 105 -7.25 7.43 18.90
CA ASP B 105 -8.00 7.00 20.11
C ASP B 105 -8.45 8.23 20.90
N LYS B 106 -7.64 9.30 20.94
CA LYS B 106 -7.92 10.51 21.74
C LYS B 106 -8.63 11.58 20.91
N GLU B 107 -9.17 11.23 19.74
CA GLU B 107 -9.88 12.18 18.84
C GLU B 107 -8.95 13.36 18.50
N MET B 108 -7.70 13.06 18.17
CA MET B 108 -6.70 14.05 17.68
C MET B 108 -6.04 13.50 16.40
N GLN B 109 -6.85 13.02 15.44
CA GLN B 109 -6.37 12.52 14.13
C GLN B 109 -5.51 13.61 13.44
N VAL B 110 -5.71 14.91 13.74
CA VAL B 110 -4.88 16.03 13.19
C VAL B 110 -3.38 15.82 13.48
N LEU B 111 -2.99 14.95 14.39
CA LEU B 111 -1.56 14.76 14.73
C LEU B 111 -0.90 13.75 13.78
N VAL B 112 -1.69 12.93 13.09
CA VAL B 112 -1.20 11.74 12.33
C VAL B 112 -0.17 12.22 11.29
N SER B 113 -0.49 13.28 10.54
CA SER B 113 0.37 13.78 9.43
C SER B 113 1.68 14.34 9.98
N ARG B 114 1.67 15.07 11.11
CA ARG B 114 2.96 15.58 11.65
C ARG B 114 3.78 14.40 12.21
N ILE B 115 3.13 13.38 12.79
CA ILE B 115 3.90 12.22 13.34
C ILE B 115 4.71 11.58 12.20
N ALA B 116 4.07 11.42 11.05
CA ALA B 116 4.68 10.85 9.83
C ALA B 116 5.90 11.69 9.41
N ALA B 117 5.76 13.02 9.38
CA ALA B 117 6.85 13.95 9.01
C ALA B 117 7.99 13.82 10.02
N TRP B 118 7.67 13.74 11.32
CA TRP B 118 8.71 13.58 12.37
C TRP B 118 9.49 12.29 12.15
N MET B 119 8.78 11.20 11.82
CA MET B 119 9.41 9.87 11.62
C MET B 119 10.36 9.93 10.43
N ALA B 120 9.91 10.51 9.31
CA ALA B 120 10.72 10.73 8.09
C ALA B 120 11.95 11.55 8.44
N THR B 121 11.76 12.68 9.14
CA THR B 121 12.87 13.58 9.54
C THR B 121 13.90 12.80 10.37
N TYR B 122 13.46 12.00 11.36
CA TYR B 122 14.38 11.27 12.28
C TYR B 122 15.17 10.23 11.50
N LEU B 123 14.49 9.48 10.63
CA LEU B 123 15.09 8.46 9.72
C LEU B 123 16.19 9.08 8.86
N ASN B 124 15.86 10.16 8.17
CA ASN B 124 16.76 10.90 7.24
C ASN B 124 17.95 11.49 8.02
N ASP B 125 17.70 12.06 9.20
CA ASP B 125 18.75 12.79 9.96
C ASP B 125 19.64 11.83 10.76
N HIS B 126 19.10 10.77 11.35
CA HIS B 126 19.79 10.00 12.42
C HIS B 126 20.03 8.54 12.04
N LEU B 127 19.26 7.97 11.11
CA LEU B 127 19.29 6.50 10.88
C LEU B 127 19.83 6.19 9.49
N GLU B 128 19.66 7.10 8.53
CA GLU B 128 20.03 6.90 7.10
C GLU B 128 21.50 6.52 7.02
N PRO B 129 22.46 7.21 7.69
CA PRO B 129 23.86 6.82 7.59
C PRO B 129 24.04 5.38 8.08
N TRP B 130 23.43 5.01 9.21
CA TRP B 130 23.56 3.63 9.74
C TRP B 130 22.97 2.64 8.73
N ILE B 131 21.80 2.95 8.20
CA ILE B 131 21.12 2.06 7.22
C ILE B 131 22.07 1.82 6.05
N GLN B 132 22.66 2.86 5.47
CA GLN B 132 23.55 2.67 4.28
C GLN B 132 24.78 1.87 4.71
N GLU B 133 25.35 2.16 5.89
CA GLU B 133 26.60 1.52 6.37
C GLU B 133 26.37 0.01 6.52
N ASN B 134 25.14 -0.43 6.77
CA ASN B 134 24.82 -1.83 7.10
C ASN B 134 24.04 -2.49 5.95
N GLY B 135 24.24 -2.03 4.71
CA GLY B 135 23.78 -2.70 3.48
C GLY B 135 22.41 -2.20 3.01
N GLY B 136 21.93 -1.09 3.58
CA GLY B 136 20.64 -0.50 3.19
C GLY B 136 19.48 -1.42 3.53
N TRP B 137 18.27 -1.03 3.14
CA TRP B 137 17.04 -1.81 3.38
C TRP B 137 17.11 -3.19 2.70
N ASP B 138 17.92 -3.35 1.65
CA ASP B 138 18.15 -4.65 0.96
C ASP B 138 18.60 -5.70 1.99
N THR B 139 19.49 -5.33 2.91
CA THR B 139 20.01 -6.24 3.96
C THR B 139 18.91 -6.53 4.97
N PHE B 140 18.11 -5.52 5.33
CA PHE B 140 16.97 -5.72 6.24
C PHE B 140 16.10 -6.85 5.67
N VAL B 141 15.72 -6.74 4.41
CA VAL B 141 14.86 -7.74 3.70
C VAL B 141 15.61 -9.07 3.67
N GLU B 142 16.90 -9.05 3.35
CA GLU B 142 17.73 -10.27 3.26
C GLU B 142 17.72 -11.01 4.62
N LEU B 143 17.76 -10.30 5.75
CA LEU B 143 17.86 -10.95 7.09
C LEU B 143 16.47 -11.19 7.69
N TYR B 144 15.48 -10.36 7.38
CA TYR B 144 14.21 -10.30 8.13
C TYR B 144 13.00 -10.28 7.20
N GLY B 145 13.21 -10.46 5.89
CA GLY B 145 12.15 -10.42 4.86
C GLY B 145 12.11 -11.71 4.04
N ASN B 146 11.68 -11.60 2.77
CA ASN B 146 11.56 -12.73 1.80
C ASN B 146 11.86 -12.22 0.39
S1 V9S C . -12.60 -10.41 -16.55
C17 V9S C . -16.07 -10.17 -19.71
C21 V9S C . -17.94 -9.07 -20.69
C31 V9S C . -19.87 -10.21 -9.38
O2 V9S C . -22.14 -7.26 -16.39
C27 V9S C . -21.77 -8.24 -15.77
O3 V9S C . -22.63 -8.98 -15.06
C26 V9S C . -20.31 -8.53 -15.78
C25 V9S C . -19.60 -8.49 -14.59
O4 V9S C . -20.32 -8.25 -13.47
C28 V9S C . -19.65 -8.63 -12.25
C29 V9S C . -20.64 -8.56 -11.10
C30 V9S C . -20.00 -8.89 -9.77
C35 V9S C . -19.55 -7.89 -8.91
C34 V9S C . -18.96 -8.19 -7.68
C33 V9S C . -18.83 -9.51 -7.30
C32 V9S C . -19.29 -10.52 -8.15
C24 V9S C . -18.23 -8.74 -14.62
C23 V9S C . -17.60 -9.01 -15.84
N5 V9S C . -19.72 -8.78 -16.94
C22 V9S C . -18.38 -9.04 -17.00
C19 V9S C . -17.81 -9.29 -18.32
C20 V9S C . -18.49 -8.85 -19.45
C16 V9S C . -16.72 -9.73 -20.83
C15 V9S C . -16.23 -10.05 -22.23
C14 V9S C . -14.79 -10.53 -22.26
C13 V9S C . -14.51 -11.54 -21.15
C18 V9S C . -16.59 -9.95 -18.45
C12 V9S C . -14.77 -10.88 -19.84
N4 V9S C . -14.11 -11.25 -18.75
N3 V9S C . -12.90 -11.77 -18.70
C10 V9S C . -12.18 -11.56 -17.64
N2 V9S C . -11.07 -12.17 -17.26
C11 V9S C . -11.35 -10.60 -15.48
C9 V9S C . -10.58 -11.65 -16.07
C8 V9S C . -9.36 -12.25 -15.49
O1 V9S C . -8.95 -11.81 -14.43
N1 V9S C . -8.80 -13.27 -16.12
C7 V9S C . -7.65 -13.99 -15.60
C4 V9S C . -8.16 -15.25 -14.86
C3 V9S C . -7.45 -15.72 -13.77
C1 V9S C . -7.90 -16.84 -13.07
C5 V9S C . -9.32 -15.93 -15.27
C6 V9S C . -9.74 -17.07 -14.57
C2 V9S C . -9.04 -17.51 -13.45
S1 V9S D . 9.72 1.00 21.43
C17 V9S D . 13.76 0.83 24.06
C21 V9S D . 16.12 0.67 24.25
C31 V9S D . 11.77 -8.19 17.95
O2 V9S D . 18.36 -4.21 20.99
C27 V9S D . 17.23 -4.70 20.96
O3 V9S D . 17.07 -6.01 20.84
C26 V9S D . 16.00 -3.87 21.00
C25 V9S D . 14.92 -4.20 20.21
O4 V9S D . 15.00 -5.31 19.41
C28 V9S D . 13.80 -5.74 18.78
C29 V9S D . 14.04 -7.09 18.15
C30 V9S D . 12.82 -7.49 17.35
C35 V9S D . 12.73 -7.17 15.99
C34 V9S D . 11.61 -7.53 15.24
C33 V9S D . 10.58 -8.21 15.87
C32 V9S D . 10.67 -8.55 17.19
C24 V9S D . 13.78 -3.39 20.28
C23 V9S D . 13.78 -2.29 21.11
N5 V9S D . 15.99 -2.80 21.82
C22 V9S D . 14.91 -1.99 21.88
C19 V9S D . 14.93 -0.84 22.81
C20 V9S D . 16.11 -0.40 23.38
C16 V9S D . 14.94 1.29 24.60
C15 V9S D . 14.97 2.48 25.52
C14 V9S D . 13.65 3.22 25.63
C13 V9S D . 12.45 2.28 25.68
C18 V9S D . 13.75 -0.22 23.17
C12 V9S D . 12.48 1.50 24.40
N4 V9S D . 11.37 1.06 23.84
N3 V9S D . 10.17 1.54 23.98
C10 V9S D . 9.32 1.48 22.98
N2 V9S D . 8.02 1.78 23.10
C11 V9S D . 8.18 1.19 20.85
C9 V9S D . 7.37 1.65 21.91
C8 V9S D . 5.89 1.86 21.84
O1 V9S D . 5.33 1.64 20.77
N1 V9S D . 5.21 2.13 22.96
C7 V9S D . 3.76 2.25 22.94
C4 V9S D . 3.11 0.97 23.48
C3 V9S D . 1.85 0.59 22.98
C1 V9S D . 1.20 -0.56 23.46
C5 V9S D . 3.72 0.18 24.45
C6 V9S D . 3.09 -0.98 24.93
C2 V9S D . 1.83 -1.34 24.43
#